data_8QTC
#
_entry.id   8QTC
#
_cell.length_a   131.503
_cell.length_b   131.503
_cell.length_c   256.357
_cell.angle_alpha   90.000
_cell.angle_beta   90.000
_cell.angle_gamma   120.000
#
_symmetry.space_group_name_H-M   'P 65 2 2'
#
loop_
_entity.id
_entity.type
_entity.pdbx_description
1 polymer '14-3-3-like protein GF14 omega'
2 polymer 'Protein BRASSINAZOLE-RESISTANT 1'
3 non-polymer 'COBALT (II) ION'
4 non-polymer 'SULFATE ION'
5 water water
#
loop_
_entity_poly.entity_id
_entity_poly.type
_entity_poly.pdbx_seq_one_letter_code
_entity_poly.pdbx_strand_id
1 'polypeptide(L)'
;MASGREEFVYMAKLAEQAERYEEMVEFMEKVSAAVDGDELTVEERNLLSVAYKNVIGARRASWRIISSIEQKEESRGNDD
HVTAIREYRSKIETELSGICDGILKLLDSRLIPAAASGDSKVFYLKMKGDYHRYLAEFKTGQERKDAAEHTLAAYKSAQD
IANAELAPTHPIRLGLALNFSVFYYEILNSPDRACNLAKQAFDEAIAELDTLGEESYKDSTLIMQLLRDNLTLWTSDMQD
;
A,B
2 'polypeptide(L)' SN(SEP)AP C
#
loop_
_chem_comp.id
_chem_comp.type
_chem_comp.name
_chem_comp.formula
CO non-polymer 'COBALT (II) ION' 'Co 2'
SO4 non-polymer 'SULFATE ION' 'O4 S -2'
#
# COMPACT_ATOMS: atom_id res chain seq x y z
N SER A 3 -1.71 20.17 -23.24
CA SER A 3 -3.04 19.75 -23.68
C SER A 3 -3.63 18.69 -22.76
N GLY A 4 -4.78 18.15 -23.15
CA GLY A 4 -5.41 17.03 -22.48
C GLY A 4 -4.41 15.98 -22.04
N ARG A 5 -3.83 15.37 -23.07
CA ARG A 5 -2.82 14.34 -22.91
C ARG A 5 -1.74 14.77 -21.90
N GLU A 6 -1.18 15.97 -22.06
CA GLU A 6 -0.05 16.34 -21.22
C GLU A 6 -0.50 16.60 -19.79
N GLU A 7 -1.67 17.20 -19.61
CA GLU A 7 -2.21 17.43 -18.28
C GLU A 7 -2.36 16.11 -17.54
N PHE A 8 -2.95 15.12 -18.20
CA PHE A 8 -3.23 13.87 -17.52
C PHE A 8 -1.98 13.03 -17.31
N VAL A 9 -1.00 13.13 -18.22
CA VAL A 9 0.30 12.52 -17.96
C VAL A 9 0.91 13.09 -16.68
N TYR A 10 0.89 14.41 -16.54
CA TYR A 10 1.46 15.00 -15.33
C TYR A 10 0.69 14.57 -14.08
N MET A 11 -0.64 14.62 -14.15
CA MET A 11 -1.44 14.12 -13.04
C MET A 11 -1.09 12.67 -12.71
N ALA A 12 -0.86 11.84 -13.73
CA ALA A 12 -0.49 10.45 -13.48
C ALA A 12 0.83 10.37 -12.73
N LYS A 13 1.79 11.22 -13.10
CA LYS A 13 3.07 11.21 -12.39
C LYS A 13 2.87 11.63 -10.94
N LEU A 14 1.99 12.59 -10.70
CA LEU A 14 1.68 13.02 -9.34
C LEU A 14 1.02 11.89 -8.57
N ALA A 15 0.10 11.18 -9.21
CA ALA A 15 -0.58 10.08 -8.54
C ALA A 15 0.42 9.01 -8.17
N GLU A 16 1.42 8.80 -9.03
CA GLU A 16 2.46 7.84 -8.71
C GLU A 16 3.24 8.28 -7.48
N GLN A 17 3.72 9.52 -7.49
CA GLN A 17 4.39 10.07 -6.32
C GLN A 17 3.56 9.87 -5.05
N ALA A 18 2.27 10.20 -5.11
CA ALA A 18 1.39 10.04 -3.96
C ALA A 18 1.05 8.59 -3.69
N GLU A 19 1.43 7.68 -4.60
CA GLU A 19 1.09 6.26 -4.48
C GLU A 19 -0.41 6.08 -4.38
N ARG A 20 -1.14 6.89 -5.14
CA ARG A 20 -2.59 6.76 -5.28
C ARG A 20 -2.82 6.18 -6.67
N TYR A 21 -2.63 4.87 -6.78
CA TYR A 21 -2.48 4.22 -8.07
C TYR A 21 -3.79 4.03 -8.82
N GLU A 22 -4.91 3.91 -8.11
CA GLU A 22 -6.20 3.86 -8.80
C GLU A 22 -6.39 5.14 -9.59
N GLU A 23 -5.98 6.26 -9.02
CA GLU A 23 -6.05 7.51 -9.74
C GLU A 23 -5.02 7.55 -10.85
N MET A 24 -3.87 6.93 -10.65
CA MET A 24 -2.88 6.87 -11.73
C MET A 24 -3.44 6.12 -12.94
N VAL A 25 -4.18 5.03 -12.70
CA VAL A 25 -4.80 4.32 -13.80
C VAL A 25 -5.82 5.21 -14.47
N GLU A 26 -6.62 5.94 -13.68
CA GLU A 26 -7.60 6.85 -14.27
C GLU A 26 -6.90 7.85 -15.19
N PHE A 27 -5.82 8.47 -14.69
CA PHE A 27 -5.11 9.46 -15.50
C PHE A 27 -4.55 8.83 -16.78
N MET A 28 -3.96 7.64 -16.67
CA MET A 28 -3.38 7.05 -17.87
C MET A 28 -4.44 6.52 -18.83
N GLU A 29 -5.59 6.09 -18.31
CA GLU A 29 -6.71 5.75 -19.19
C GLU A 29 -7.19 6.98 -19.95
N LYS A 30 -7.15 8.13 -19.29
CA LYS A 30 -7.53 9.35 -19.99
C LYS A 30 -6.46 9.75 -21.01
N VAL A 31 -5.19 9.51 -20.69
CA VAL A 31 -4.12 9.75 -21.67
C VAL A 31 -4.31 8.85 -22.90
N SER A 32 -4.49 7.55 -22.66
CA SER A 32 -4.63 6.61 -23.76
C SER A 32 -5.85 6.93 -24.62
N ALA A 33 -6.97 7.26 -23.97
CA ALA A 33 -8.14 7.64 -24.74
C ALA A 33 -7.87 8.93 -25.51
N ALA A 34 -7.06 9.84 -24.95
CA ALA A 34 -6.80 11.05 -25.69
C ALA A 34 -5.84 10.79 -26.84
N VAL A 35 -5.19 9.64 -26.84
CA VAL A 35 -4.30 9.31 -27.93
C VAL A 35 -5.00 8.18 -28.67
N ASP A 36 -5.78 8.53 -29.70
CA ASP A 36 -6.54 7.49 -30.40
C ASP A 36 -5.80 7.01 -31.63
N GLY A 37 -5.59 7.89 -32.60
CA GLY A 37 -4.86 7.49 -33.79
C GLY A 37 -3.39 7.37 -33.47
N ASP A 38 -2.84 8.35 -32.77
CA ASP A 38 -1.44 8.31 -32.42
C ASP A 38 -1.16 7.17 -31.43
N GLU A 39 0.10 6.73 -31.40
CA GLU A 39 0.61 5.73 -30.45
C GLU A 39 1.01 6.41 -29.14
N LEU A 40 0.85 5.71 -28.01
CA LEU A 40 1.50 6.15 -26.78
C LEU A 40 3.02 6.25 -26.90
N THR A 41 3.59 7.27 -26.26
CA THR A 41 5.02 7.42 -26.09
C THR A 41 5.57 6.30 -25.22
N VAL A 42 6.89 6.18 -25.20
CA VAL A 42 7.51 5.20 -24.30
C VAL A 42 7.17 5.53 -22.86
N GLU A 43 7.28 6.82 -22.51
CA GLU A 43 6.95 7.28 -21.17
C GLU A 43 5.51 6.99 -20.80
N GLU A 44 4.56 7.30 -21.68
CA GLU A 44 3.15 7.04 -21.36
C GLU A 44 2.87 5.56 -21.23
N ARG A 45 3.44 4.77 -22.13
CA ARG A 45 3.33 3.32 -22.00
C ARG A 45 3.81 2.87 -20.63
N ASN A 46 4.97 3.36 -20.18
CA ASN A 46 5.49 2.90 -18.90
C ASN A 46 4.66 3.39 -17.72
N LEU A 47 4.17 4.64 -17.76
CA LEU A 47 3.25 5.09 -16.71
C LEU A 47 1.99 4.25 -16.64
N LEU A 48 1.42 3.90 -17.79
CA LEU A 48 0.24 3.05 -17.82
C LEU A 48 0.55 1.70 -17.21
N SER A 49 1.70 1.13 -17.57
CA SER A 49 2.07 -0.19 -17.09
C SER A 49 2.28 -0.17 -15.59
N VAL A 50 3.00 0.85 -15.08
CA VAL A 50 3.21 0.98 -13.63
C VAL A 50 1.86 1.08 -12.92
N ALA A 51 0.95 1.90 -13.46
CA ALA A 51 -0.36 2.09 -12.84
C ALA A 51 -1.09 0.78 -12.66
N TYR A 52 -1.27 0.06 -13.77
CA TYR A 52 -2.00 -1.21 -13.70
C TYR A 52 -1.22 -2.26 -12.91
N LYS A 53 0.11 -2.31 -13.05
CA LYS A 53 0.89 -3.28 -12.29
C LYS A 53 0.65 -3.11 -10.80
N ASN A 54 0.60 -1.87 -10.31
CA ASN A 54 0.43 -1.66 -8.87
C ASN A 54 -1.01 -1.90 -8.41
N VAL A 55 -1.98 -1.48 -9.22
CA VAL A 55 -3.37 -1.69 -8.84
C VAL A 55 -3.68 -3.19 -8.78
N ILE A 56 -3.21 -3.97 -9.76
CA ILE A 56 -3.46 -5.40 -9.72
C ILE A 56 -2.57 -6.07 -8.68
N GLY A 57 -1.32 -5.64 -8.56
CA GLY A 57 -0.41 -6.22 -7.58
C GLY A 57 -0.96 -6.19 -6.18
N ALA A 58 -1.70 -5.14 -5.83
CA ALA A 58 -2.15 -5.06 -4.45
C ALA A 58 -3.28 -6.04 -4.18
N ARG A 59 -4.17 -6.22 -5.16
CA ARG A 59 -5.22 -7.21 -4.98
C ARG A 59 -4.67 -8.62 -5.09
N ARG A 60 -3.65 -8.82 -5.93
CA ARG A 60 -3.00 -10.12 -6.00
C ARG A 60 -2.37 -10.52 -4.67
N ALA A 61 -1.66 -9.58 -4.02
CA ALA A 61 -1.11 -9.87 -2.69
C ALA A 61 -2.23 -10.23 -1.72
N SER A 62 -3.29 -9.41 -1.70
CA SER A 62 -4.38 -9.68 -0.77
C SER A 62 -4.99 -11.04 -1.06
N TRP A 63 -5.11 -11.39 -2.33
CA TRP A 63 -5.74 -12.65 -2.69
C TRP A 63 -4.89 -13.81 -2.18
N ARG A 64 -3.57 -13.75 -2.38
CA ARG A 64 -2.75 -14.87 -1.91
C ARG A 64 -2.83 -15.02 -0.40
N ILE A 65 -2.79 -13.91 0.34
CA ILE A 65 -2.84 -13.99 1.80
C ILE A 65 -4.19 -14.54 2.26
N ILE A 66 -5.29 -14.01 1.74
CA ILE A 66 -6.60 -14.50 2.15
C ILE A 66 -6.74 -15.96 1.78
N SER A 67 -6.14 -16.39 0.66
CA SER A 67 -6.21 -17.79 0.28
C SER A 67 -5.43 -18.69 1.23
N SER A 68 -4.22 -18.27 1.63
CA SER A 68 -3.50 -19.05 2.64
C SER A 68 -4.32 -19.17 3.90
N ILE A 69 -4.92 -18.07 4.33
CA ILE A 69 -5.73 -18.12 5.55
C ILE A 69 -6.93 -19.04 5.34
N GLU A 70 -7.53 -18.97 4.14
CA GLU A 70 -8.69 -19.82 3.86
C GLU A 70 -8.33 -21.29 3.96
N GLN A 71 -7.18 -21.66 3.39
CA GLN A 71 -6.81 -23.07 3.45
C GLN A 71 -6.50 -23.49 4.87
N LYS A 72 -5.82 -22.63 5.64
CA LYS A 72 -5.51 -23.02 7.01
C LYS A 72 -6.79 -23.17 7.83
N GLU A 73 -7.66 -22.16 7.78
CA GLU A 73 -8.91 -22.22 8.54
C GLU A 73 -9.82 -23.34 8.05
N GLU A 74 -9.70 -23.73 6.78
CA GLU A 74 -10.46 -24.86 6.28
C GLU A 74 -9.89 -26.15 6.84
N SER A 75 -8.56 -26.24 6.89
CA SER A 75 -7.91 -27.40 7.49
C SER A 75 -8.29 -27.52 8.96
N ARG A 76 -8.81 -26.45 9.54
CA ARG A 76 -9.25 -26.40 10.92
C ARG A 76 -10.76 -26.62 10.90
N GLY A 77 -11.34 -26.98 12.04
CA GLY A 77 -12.77 -27.26 11.98
C GLY A 77 -13.71 -26.08 12.14
N ASN A 78 -13.18 -24.87 11.98
CA ASN A 78 -14.00 -23.66 12.04
C ASN A 78 -14.56 -23.34 10.65
N ASP A 79 -15.58 -24.10 10.26
CA ASP A 79 -16.19 -23.94 8.95
C ASP A 79 -16.86 -22.59 8.82
N ASP A 80 -17.30 -22.06 9.96
CA ASP A 80 -17.89 -20.73 10.02
C ASP A 80 -16.88 -19.66 9.58
N HIS A 81 -15.64 -19.74 10.08
CA HIS A 81 -14.61 -18.80 9.62
C HIS A 81 -14.34 -18.95 8.13
N VAL A 82 -14.28 -20.19 7.65
CA VAL A 82 -13.99 -20.50 6.25
C VAL A 82 -15.01 -19.85 5.32
N THR A 83 -16.29 -19.90 5.67
CA THR A 83 -17.29 -19.27 4.81
C THR A 83 -17.03 -17.76 4.65
N ALA A 84 -16.80 -17.07 5.77
CA ALA A 84 -16.49 -15.65 5.72
C ALA A 84 -15.25 -15.37 4.87
N ILE A 85 -14.23 -16.21 5.00
CA ILE A 85 -13.01 -15.97 4.25
C ILE A 85 -13.28 -16.13 2.76
N ARG A 86 -14.09 -17.13 2.40
CA ARG A 86 -14.44 -17.34 1.00
C ARG A 86 -15.22 -16.15 0.43
N GLU A 87 -16.17 -15.62 1.19
CA GLU A 87 -16.89 -14.42 0.75
C GLU A 87 -15.95 -13.25 0.50
N TYR A 88 -14.95 -13.10 1.37
CA TYR A 88 -14.01 -12.00 1.21
C TYR A 88 -13.14 -12.20 -0.01
N ARG A 89 -12.62 -13.41 -0.19
CA ARG A 89 -11.84 -13.72 -1.37
C ARG A 89 -12.67 -13.47 -2.63
N SER A 90 -13.98 -13.75 -2.56
CA SER A 90 -14.82 -13.47 -3.72
C SER A 90 -14.84 -11.98 -4.04
N LYS A 91 -14.86 -11.13 -3.00
CA LYS A 91 -14.82 -9.69 -3.29
C LYS A 91 -13.53 -9.30 -3.97
N ILE A 92 -12.43 -9.88 -3.50
CA ILE A 92 -11.13 -9.59 -4.11
C ILE A 92 -11.07 -10.08 -5.54
N GLU A 93 -11.57 -11.28 -5.80
CA GLU A 93 -11.56 -11.80 -7.16
C GLU A 93 -12.40 -10.93 -8.09
N THR A 94 -13.51 -10.40 -7.58
CA THR A 94 -14.29 -9.45 -8.38
C THR A 94 -13.46 -8.23 -8.77
N GLU A 95 -12.76 -7.63 -7.79
CA GLU A 95 -11.91 -6.49 -8.13
C GLU A 95 -10.82 -6.86 -9.13
N LEU A 96 -10.16 -8.01 -8.91
CA LEU A 96 -9.15 -8.50 -9.84
C LEU A 96 -9.71 -8.62 -11.26
N SER A 97 -10.90 -9.20 -11.38
CA SER A 97 -11.50 -9.38 -12.70
C SER A 97 -11.76 -8.03 -13.35
N GLY A 98 -12.26 -7.07 -12.57
CA GLY A 98 -12.54 -5.77 -13.16
C GLY A 98 -11.30 -5.02 -13.60
N ILE A 99 -10.19 -5.20 -12.87
CA ILE A 99 -8.96 -4.51 -13.26
C ILE A 99 -8.41 -5.11 -14.54
N CYS A 100 -8.36 -6.45 -14.59
CA CYS A 100 -7.92 -7.10 -15.81
C CYS A 100 -8.79 -6.74 -16.99
N ASP A 101 -10.11 -6.65 -16.78
CA ASP A 101 -10.97 -6.31 -17.90
C ASP A 101 -10.63 -4.92 -18.41
N GLY A 102 -10.34 -4.00 -17.50
CA GLY A 102 -10.05 -2.64 -17.92
C GLY A 102 -8.79 -2.55 -18.75
N ILE A 103 -7.72 -3.19 -18.28
CA ILE A 103 -6.48 -3.06 -19.04
C ILE A 103 -6.52 -3.88 -20.30
N LEU A 104 -7.18 -5.04 -20.28
CA LEU A 104 -7.24 -5.85 -21.49
C LEU A 104 -8.06 -5.15 -22.57
N LYS A 105 -9.20 -4.57 -22.22
CA LYS A 105 -9.94 -3.80 -23.22
C LYS A 105 -9.12 -2.63 -23.75
N LEU A 106 -8.49 -1.84 -22.87
CA LEU A 106 -7.70 -0.71 -23.38
C LEU A 106 -6.55 -1.16 -24.26
N LEU A 107 -5.89 -2.25 -23.88
CA LEU A 107 -4.77 -2.78 -24.65
C LEU A 107 -5.24 -3.36 -25.97
N ASP A 108 -6.35 -4.06 -25.92
CA ASP A 108 -6.94 -4.82 -27.01
C ASP A 108 -7.61 -3.90 -28.02
N SER A 109 -8.16 -2.78 -27.56
CA SER A 109 -8.92 -1.91 -28.44
C SER A 109 -8.08 -0.79 -29.06
N ARG A 110 -7.02 -0.35 -28.40
CA ARG A 110 -6.27 0.78 -28.93
C ARG A 110 -4.80 0.46 -29.14
N LEU A 111 -4.16 0.00 -28.08
CA LEU A 111 -2.70 -0.04 -28.06
C LEU A 111 -2.14 -1.14 -28.95
N ILE A 112 -2.71 -2.35 -28.90
CA ILE A 112 -2.17 -3.44 -29.71
C ILE A 112 -2.38 -3.12 -31.18
N PRO A 113 -3.60 -2.73 -31.59
CA PRO A 113 -3.80 -2.35 -33.01
C PRO A 113 -2.90 -1.21 -33.46
N ALA A 114 -2.71 -0.21 -32.60
CA ALA A 114 -1.99 1.02 -32.89
C ALA A 114 -0.47 0.88 -32.88
N ALA A 115 0.09 -0.17 -32.27
CA ALA A 115 1.54 -0.25 -32.19
C ALA A 115 2.28 -0.16 -33.53
N ALA A 116 2.17 -1.16 -34.37
CA ALA A 116 2.96 -1.24 -35.61
C ALA A 116 4.38 -0.68 -35.43
N SER A 117 5.10 -1.20 -34.44
CA SER A 117 6.48 -0.77 -34.16
C SER A 117 7.42 -1.92 -33.82
N GLY A 118 6.89 -3.06 -33.43
CA GLY A 118 7.49 -4.33 -33.05
C GLY A 118 8.01 -4.09 -31.66
N ASP A 119 8.60 -2.91 -31.44
CA ASP A 119 8.97 -2.52 -30.09
C ASP A 119 7.76 -2.67 -29.20
N SER A 120 6.75 -1.88 -29.58
CA SER A 120 5.50 -1.76 -28.87
C SER A 120 4.62 -2.97 -29.12
N LYS A 121 4.80 -3.62 -30.28
CA LYS A 121 4.04 -4.83 -30.52
C LYS A 121 4.37 -5.87 -29.47
N VAL A 122 5.67 -6.14 -29.27
CA VAL A 122 6.07 -7.11 -28.27
C VAL A 122 5.66 -6.62 -26.88
N PHE A 123 5.83 -5.32 -26.62
CA PHE A 123 5.53 -4.81 -25.28
C PHE A 123 4.06 -5.02 -24.92
N TYR A 124 3.17 -4.63 -25.83
CA TYR A 124 1.74 -4.70 -25.54
C TYR A 124 1.25 -6.14 -25.59
N LEU A 125 1.82 -6.96 -26.46
CA LEU A 125 1.47 -8.38 -26.45
C LEU A 125 1.88 -9.05 -25.15
N LYS A 126 3.13 -8.81 -24.71
CA LYS A 126 3.55 -9.30 -23.41
C LYS A 126 2.56 -8.86 -22.34
N MET A 127 2.14 -7.59 -22.37
CA MET A 127 1.25 -7.11 -21.33
C MET A 127 -0.13 -7.79 -21.39
N LYS A 128 -0.65 -8.00 -22.60
CA LYS A 128 -1.89 -8.77 -22.76
C LYS A 128 -1.75 -10.15 -22.14
N GLY A 129 -0.66 -10.84 -22.44
CA GLY A 129 -0.44 -12.15 -21.86
C GLY A 129 -0.36 -12.07 -20.35
N ASP A 130 0.34 -11.06 -19.84
CA ASP A 130 0.46 -10.87 -18.40
C ASP A 130 -0.91 -10.83 -17.74
N TYR A 131 -1.81 -10.00 -18.28
CA TYR A 131 -3.06 -9.81 -17.55
C TYR A 131 -4.05 -10.95 -17.78
N HIS A 132 -3.96 -11.64 -18.91
CA HIS A 132 -4.68 -12.91 -19.00
C HIS A 132 -4.15 -13.90 -17.98
N ARG A 133 -2.83 -13.88 -17.74
CA ARG A 133 -2.25 -14.76 -16.74
C ARG A 133 -2.73 -14.42 -15.34
N TYR A 134 -2.81 -13.13 -15.02
CA TYR A 134 -3.34 -12.75 -13.71
C TYR A 134 -4.78 -13.20 -13.56
N LEU A 135 -5.54 -13.23 -14.66
CA LEU A 135 -6.88 -13.83 -14.63
C LEU A 135 -6.80 -15.31 -14.33
N ALA A 136 -5.88 -16.01 -14.99
CA ALA A 136 -5.72 -17.45 -14.83
C ALA A 136 -5.29 -17.83 -13.43
N GLU A 137 -4.69 -16.89 -12.70
CA GLU A 137 -4.26 -17.17 -11.34
C GLU A 137 -5.41 -17.49 -10.40
N PHE A 138 -6.60 -16.88 -10.57
CA PHE A 138 -7.70 -17.15 -9.66
C PHE A 138 -8.96 -17.72 -10.31
N LYS A 139 -9.15 -17.56 -11.62
CA LYS A 139 -10.35 -18.08 -12.27
C LYS A 139 -10.38 -19.60 -12.20
N THR A 140 -11.58 -20.16 -12.35
CA THR A 140 -11.76 -21.60 -12.40
C THR A 140 -12.50 -22.01 -13.67
N GLY A 141 -12.67 -23.33 -13.80
CA GLY A 141 -13.42 -23.90 -14.90
C GLY A 141 -13.04 -23.33 -16.26
N GLN A 142 -14.05 -23.13 -17.10
CA GLN A 142 -13.77 -22.74 -18.48
C GLN A 142 -13.10 -21.37 -18.52
N GLU A 143 -13.47 -20.45 -17.61
CA GLU A 143 -12.83 -19.14 -17.59
C GLU A 143 -11.33 -19.24 -17.37
N ARG A 144 -10.89 -20.13 -16.48
CA ARG A 144 -9.47 -20.36 -16.27
C ARG A 144 -8.85 -20.92 -17.54
N LYS A 145 -9.49 -21.94 -18.13
CA LYS A 145 -8.99 -22.50 -19.39
C LYS A 145 -8.84 -21.44 -20.48
N ASP A 146 -9.86 -20.62 -20.67
CA ASP A 146 -9.81 -19.56 -21.68
C ASP A 146 -8.70 -18.56 -21.38
N ALA A 147 -8.54 -18.18 -20.12
CA ALA A 147 -7.52 -17.22 -19.77
C ALA A 147 -6.13 -17.78 -20.08
N ALA A 148 -5.88 -19.01 -19.65
CA ALA A 148 -4.57 -19.60 -19.89
C ALA A 148 -4.29 -19.72 -21.38
N GLU A 149 -5.30 -20.10 -22.18
CA GLU A 149 -5.11 -20.22 -23.63
C GLU A 149 -4.78 -18.87 -24.27
N HIS A 150 -5.48 -17.81 -23.85
CA HIS A 150 -5.20 -16.48 -24.41
C HIS A 150 -3.82 -16.01 -23.97
N THR A 151 -3.42 -16.37 -22.75
CA THR A 151 -2.08 -16.03 -22.28
C THR A 151 -1.04 -16.65 -23.19
N LEU A 152 -1.13 -17.97 -23.38
CA LEU A 152 -0.19 -18.67 -24.26
C LEU A 152 -0.16 -18.04 -25.65
N ALA A 153 -1.33 -17.68 -26.20
CA ALA A 153 -1.37 -17.12 -27.56
C ALA A 153 -0.71 -15.75 -27.61
N ALA A 154 -0.98 -14.91 -26.59
CA ALA A 154 -0.35 -13.60 -26.51
C ALA A 154 1.16 -13.73 -26.39
N TYR A 155 1.62 -14.57 -25.47
CA TYR A 155 3.06 -14.74 -25.29
C TYR A 155 3.69 -15.27 -26.56
N LYS A 156 3.04 -16.22 -27.25
CA LYS A 156 3.60 -16.74 -28.50
C LYS A 156 3.74 -15.65 -29.55
N SER A 157 2.69 -14.88 -29.78
CA SER A 157 2.80 -13.79 -30.76
C SER A 157 3.93 -12.85 -30.38
N ALA A 158 3.97 -12.47 -29.10
CA ALA A 158 5.03 -11.60 -28.61
C ALA A 158 6.39 -12.23 -28.89
N GLN A 159 6.53 -13.51 -28.57
CA GLN A 159 7.80 -14.20 -28.74
C GLN A 159 8.22 -14.20 -30.20
N ASP A 160 7.27 -14.39 -31.12
CA ASP A 160 7.62 -14.38 -32.53
C ASP A 160 8.18 -13.01 -32.95
N ILE A 161 7.45 -11.94 -32.64
CA ILE A 161 7.99 -10.62 -33.00
C ILE A 161 9.32 -10.37 -32.31
N ALA A 162 9.47 -10.82 -31.06
CA ALA A 162 10.69 -10.49 -30.32
C ALA A 162 11.88 -11.28 -30.87
N ASN A 163 11.67 -12.56 -31.14
CA ASN A 163 12.73 -13.36 -31.74
C ASN A 163 13.12 -12.80 -33.09
N ALA A 164 12.19 -12.15 -33.79
CA ALA A 164 12.48 -11.76 -35.15
C ALA A 164 13.02 -10.33 -35.27
N GLU A 165 12.84 -9.50 -34.24
CA GLU A 165 13.17 -8.09 -34.35
C GLU A 165 13.79 -7.48 -33.10
N LEU A 166 14.08 -8.26 -32.06
CA LEU A 166 14.70 -7.72 -30.84
C LEU A 166 15.92 -8.53 -30.46
N ALA A 167 16.98 -7.82 -30.07
CA ALA A 167 18.21 -8.43 -29.63
C ALA A 167 17.96 -9.35 -28.43
N PRO A 168 18.71 -10.45 -28.30
CA PRO A 168 18.51 -11.33 -27.14
C PRO A 168 18.69 -10.61 -25.81
N THR A 169 19.42 -9.49 -25.81
CA THR A 169 19.64 -8.70 -24.60
C THR A 169 18.62 -7.61 -24.42
N HIS A 170 17.61 -7.56 -25.28
CA HIS A 170 16.59 -6.51 -25.20
C HIS A 170 15.70 -6.69 -23.98
N PRO A 171 15.57 -5.69 -23.12
CA PRO A 171 14.76 -5.88 -21.90
C PRO A 171 13.32 -6.30 -22.15
N ILE A 172 12.70 -5.95 -23.28
CA ILE A 172 11.33 -6.39 -23.53
C ILE A 172 11.30 -7.88 -23.83
N ARG A 173 12.21 -8.32 -24.70
CA ARG A 173 12.33 -9.74 -25.02
C ARG A 173 12.72 -10.55 -23.79
N LEU A 174 13.65 -10.03 -22.98
CA LEU A 174 14.03 -10.74 -21.76
C LEU A 174 12.86 -10.81 -20.78
N GLY A 175 12.15 -9.71 -20.57
CA GLY A 175 10.98 -9.75 -19.71
C GLY A 175 9.93 -10.72 -20.22
N LEU A 176 9.71 -10.74 -21.53
CA LEU A 176 8.77 -11.69 -22.11
C LEU A 176 9.18 -13.11 -21.81
N ALA A 177 10.46 -13.44 -22.03
CA ALA A 177 10.96 -14.77 -21.70
C ALA A 177 10.73 -15.08 -20.23
N LEU A 178 11.04 -14.12 -19.36
CA LEU A 178 10.85 -14.32 -17.93
C LEU A 178 9.39 -14.67 -17.62
N ASN A 179 8.47 -13.84 -18.09
CA ASN A 179 7.06 -14.04 -17.77
C ASN A 179 6.49 -15.27 -18.44
N PHE A 180 6.96 -15.61 -19.64
CA PHE A 180 6.52 -16.83 -20.30
C PHE A 180 6.96 -18.06 -19.49
N SER A 181 8.22 -18.06 -19.02
CA SER A 181 8.69 -19.16 -18.19
C SER A 181 7.86 -19.25 -16.91
N VAL A 182 7.60 -18.10 -16.27
CA VAL A 182 6.76 -18.10 -15.08
C VAL A 182 5.39 -18.68 -15.41
N PHE A 183 4.85 -18.31 -16.57
CA PHE A 183 3.57 -18.86 -17.03
C PHE A 183 3.61 -20.38 -17.06
N TYR A 184 4.66 -20.95 -17.67
CA TYR A 184 4.77 -22.41 -17.72
C TYR A 184 4.85 -23.02 -16.33
N TYR A 185 5.71 -22.46 -15.47
CA TYR A 185 5.89 -23.06 -14.14
C TYR A 185 4.64 -22.97 -13.30
N GLU A 186 3.99 -21.81 -13.27
CA GLU A 186 2.92 -21.54 -12.33
C GLU A 186 1.55 -21.85 -12.89
N ILE A 187 1.29 -21.53 -14.15
CA ILE A 187 -0.05 -21.68 -14.72
C ILE A 187 -0.21 -23.04 -15.36
N LEU A 188 0.78 -23.47 -16.13
CA LEU A 188 0.70 -24.72 -16.86
C LEU A 188 1.35 -25.88 -16.11
N ASN A 189 2.03 -25.60 -15.00
CA ASN A 189 2.61 -26.66 -14.16
C ASN A 189 3.57 -27.51 -14.99
N SER A 190 4.38 -26.87 -15.80
CA SER A 190 5.37 -27.52 -16.66
C SER A 190 6.75 -27.03 -16.25
N PRO A 191 7.29 -27.55 -15.15
CA PRO A 191 8.58 -27.05 -14.68
C PRO A 191 9.66 -27.32 -15.71
N ASP A 192 9.61 -28.48 -16.34
CA ASP A 192 10.55 -28.78 -17.41
C ASP A 192 10.53 -27.70 -18.48
N ARG A 193 9.33 -27.33 -18.92
CA ARG A 193 9.16 -26.29 -19.94
C ARG A 193 9.67 -24.94 -19.47
N ALA A 194 9.26 -24.54 -18.25
CA ALA A 194 9.68 -23.27 -17.65
C ALA A 194 11.20 -23.16 -17.56
N CYS A 195 11.84 -24.21 -17.04
CA CYS A 195 13.30 -24.21 -16.91
C CYS A 195 13.94 -24.10 -18.28
N ASN A 196 13.47 -24.92 -19.23
CA ASN A 196 14.06 -24.87 -20.57
C ASN A 196 13.97 -23.46 -21.15
N LEU A 197 12.82 -22.80 -21.02
CA LEU A 197 12.66 -21.46 -21.60
C LEU A 197 13.53 -20.42 -20.91
N ALA A 198 13.57 -20.43 -19.58
CA ALA A 198 14.40 -19.45 -18.86
C ALA A 198 15.86 -19.64 -19.18
N LYS A 199 16.30 -20.90 -19.28
CA LYS A 199 17.69 -21.19 -19.56
C LYS A 199 18.04 -20.66 -20.93
N GLN A 200 17.22 -21.00 -21.93
CA GLN A 200 17.44 -20.52 -23.30
C GLN A 200 17.53 -18.99 -23.35
N ALA A 201 16.60 -18.30 -22.71
CA ALA A 201 16.65 -16.84 -22.76
C ALA A 201 17.91 -16.28 -22.13
N PHE A 202 18.37 -16.91 -21.04
CA PHE A 202 19.59 -16.41 -20.41
C PHE A 202 20.81 -16.66 -21.30
N ASP A 203 20.98 -17.90 -21.76
CA ASP A 203 22.12 -18.22 -22.62
C ASP A 203 22.12 -17.37 -23.89
N GLU A 204 20.98 -17.26 -24.58
CA GLU A 204 20.96 -16.43 -25.77
C GLU A 204 21.29 -14.99 -25.45
N ALA A 205 21.06 -14.56 -24.21
CA ALA A 205 21.41 -13.18 -23.94
C ALA A 205 22.89 -13.03 -23.63
N ILE A 206 23.48 -13.96 -22.87
CA ILE A 206 24.93 -13.82 -22.62
C ILE A 206 25.75 -14.15 -23.87
N ALA A 207 25.17 -14.90 -24.80
CA ALA A 207 25.84 -15.27 -26.04
C ALA A 207 26.16 -14.03 -26.86
N GLU A 208 25.14 -13.20 -27.02
CA GLU A 208 25.09 -11.95 -27.77
C GLU A 208 25.12 -10.74 -26.84
N LEU A 209 25.72 -10.91 -25.66
CA LEU A 209 25.81 -9.89 -24.61
C LEU A 209 26.58 -8.64 -25.04
N ASP A 210 27.03 -8.61 -26.29
CA ASP A 210 27.74 -7.44 -26.81
C ASP A 210 26.70 -6.40 -27.22
N THR A 211 25.59 -6.88 -27.76
CA THR A 211 24.51 -6.06 -28.29
C THR A 211 23.88 -5.17 -27.22
N LEU A 212 24.04 -5.51 -25.94
CA LEU A 212 23.33 -4.74 -24.92
C LEU A 212 23.74 -3.28 -24.92
N GLY A 213 22.75 -2.44 -24.62
CA GLY A 213 22.92 -1.00 -24.59
C GLY A 213 23.21 -0.50 -23.18
N GLU A 214 24.02 0.54 -23.10
CA GLU A 214 24.31 1.15 -21.80
C GLU A 214 23.01 1.47 -21.08
N GLU A 215 22.11 2.20 -21.75
CA GLU A 215 20.79 2.52 -21.23
C GLU A 215 19.96 1.26 -20.97
N SER A 216 20.09 0.26 -21.83
CA SER A 216 19.37 -1.01 -21.73
C SER A 216 19.93 -1.91 -20.64
N TYR A 217 21.18 -1.67 -20.22
CA TYR A 217 21.86 -2.58 -19.31
C TYR A 217 21.24 -2.71 -17.94
N LYS A 218 20.85 -1.63 -17.29
CA LYS A 218 20.31 -1.90 -15.96
C LYS A 218 19.06 -2.75 -16.07
N ASP A 219 18.27 -2.50 -17.10
CA ASP A 219 17.02 -3.24 -17.23
C ASP A 219 17.30 -4.69 -17.57
N SER A 220 18.15 -4.92 -18.55
CA SER A 220 18.41 -6.29 -18.94
C SER A 220 19.07 -7.04 -17.80
N THR A 221 20.12 -6.47 -17.21
CA THR A 221 20.80 -7.27 -16.20
C THR A 221 19.85 -7.66 -15.08
N LEU A 222 18.91 -6.78 -14.74
CA LEU A 222 17.96 -7.12 -13.69
C LEU A 222 17.19 -8.37 -14.05
N ILE A 223 16.63 -8.40 -15.26
CA ILE A 223 15.86 -9.54 -15.68
C ILE A 223 16.76 -10.76 -15.75
N MET A 224 17.96 -10.62 -16.29
CA MET A 224 18.78 -11.82 -16.39
C MET A 224 19.06 -12.40 -15.02
N GLN A 225 19.21 -11.57 -14.00
CA GLN A 225 19.42 -12.12 -12.67
C GLN A 225 18.17 -12.81 -12.17
N LEU A 226 17.01 -12.25 -12.48
CA LEU A 226 15.77 -12.91 -12.12
C LEU A 226 15.65 -14.22 -12.85
N LEU A 227 16.08 -14.27 -14.11
CA LEU A 227 16.04 -15.54 -14.81
C LEU A 227 16.88 -16.56 -14.06
N ARG A 228 18.10 -16.16 -13.66
CA ARG A 228 18.93 -17.12 -12.95
C ARG A 228 18.26 -17.50 -11.63
N ASP A 229 17.73 -16.50 -10.92
CA ASP A 229 17.12 -16.77 -9.62
C ASP A 229 15.98 -17.78 -9.77
N ASN A 230 15.15 -17.63 -10.80
CA ASN A 230 14.09 -18.60 -11.01
C ASN A 230 14.68 -19.97 -11.24
N LEU A 231 15.67 -20.05 -12.12
CA LEU A 231 16.28 -21.34 -12.38
C LEU A 231 16.82 -21.91 -11.08
N THR A 232 17.43 -21.05 -10.26
CA THR A 232 17.99 -21.49 -8.98
C THR A 232 16.93 -22.15 -8.11
N LEU A 233 15.71 -21.63 -8.11
CA LEU A 233 14.68 -22.28 -7.32
C LEU A 233 14.13 -23.49 -8.05
N TRP A 234 13.87 -23.35 -9.36
CA TRP A 234 13.31 -24.49 -10.10
C TRP A 234 14.30 -25.65 -10.07
N THR A 235 15.59 -25.36 -10.29
CA THR A 235 16.59 -26.42 -10.32
C THR A 235 16.69 -27.09 -8.96
N SER A 236 16.21 -26.41 -7.90
CA SER A 236 16.15 -26.95 -6.55
C SER A 236 14.80 -27.56 -6.20
N ASP A 237 13.73 -27.22 -6.93
CA ASP A 237 12.46 -27.91 -6.80
C ASP A 237 12.31 -29.05 -7.79
N MET A 238 13.20 -29.14 -8.80
CA MET A 238 13.48 -30.42 -9.41
C MET A 238 14.15 -31.37 -8.42
N GLN A 239 14.61 -30.86 -7.29
CA GLN A 239 15.10 -31.65 -6.17
C GLN A 239 14.06 -31.78 -5.06
N ASP A 240 13.61 -30.67 -4.50
CA ASP A 240 12.65 -30.69 -3.40
C ASP A 240 11.28 -31.13 -3.87
N SER B 1 8.40 -17.95 -7.55
CA SER B 1 8.83 -17.48 -8.87
C SER B 1 8.64 -15.98 -8.99
N ASN B 2 9.54 -15.31 -9.71
CA ASN B 2 9.43 -13.86 -9.89
C ASN B 2 9.16 -13.49 -11.35
N SEP B 3 8.54 -12.34 -11.57
CA SEP B 3 8.18 -11.88 -12.92
CB SEP B 3 6.66 -11.86 -13.08
OG SEP B 3 6.07 -11.12 -12.03
C SEP B 3 8.76 -10.48 -13.21
O SEP B 3 9.41 -9.87 -12.37
P SEP B 3 4.47 -11.20 -12.14
O1P SEP B 3 4.07 -11.00 -13.67
O2P SEP B 3 3.97 -12.62 -11.59
O3P SEP B 3 3.82 -10.04 -11.25
HA SEP B 3 8.57 -12.49 -13.57
HB2 SEP B 3 6.33 -12.77 -13.05
HB3 SEP B 3 6.44 -11.45 -13.93
N ALA B 4 8.51 -9.98 -14.42
CA ALA B 4 9.15 -8.76 -14.90
C ALA B 4 8.61 -7.51 -14.25
N PRO B 5 9.52 -6.58 -13.88
CA PRO B 5 9.12 -5.36 -13.18
C PRO B 5 8.26 -4.43 -14.04
N SER C 3 -21.64 -13.51 17.59
CA SER C 3 -22.56 -13.01 16.57
C SER C 3 -21.93 -11.84 15.82
N GLY C 4 -22.76 -10.85 15.50
CA GLY C 4 -22.34 -9.63 14.83
C GLY C 4 -20.99 -9.10 15.24
N ARG C 5 -20.89 -8.69 16.51
CA ARG C 5 -19.64 -8.18 17.07
C ARG C 5 -18.47 -9.09 16.71
N GLU C 6 -18.62 -10.40 16.94
CA GLU C 6 -17.48 -11.30 16.79
C GLU C 6 -17.16 -11.47 15.30
N GLU C 7 -18.19 -11.50 14.46
CA GLU C 7 -18.01 -11.59 13.02
C GLU C 7 -17.17 -10.42 12.52
N PHE C 8 -17.51 -9.21 12.95
CA PHE C 8 -16.85 -8.02 12.43
C PHE C 8 -15.46 -7.86 13.00
N VAL C 9 -15.22 -8.30 14.22
CA VAL C 9 -13.83 -8.38 14.70
C VAL C 9 -13.01 -9.27 13.78
N TYR C 10 -13.55 -10.44 13.42
CA TYR C 10 -12.81 -11.34 12.55
C TYR C 10 -12.59 -10.74 11.17
N MET C 11 -13.63 -10.15 10.58
CA MET C 11 -13.49 -9.45 9.30
C MET C 11 -12.41 -8.38 9.37
N ALA C 12 -12.33 -7.65 10.48
CA ALA C 12 -11.29 -6.63 10.61
C ALA C 12 -9.91 -7.28 10.58
N LYS C 13 -9.75 -8.43 11.25
CA LYS C 13 -8.44 -9.09 11.19
C LYS C 13 -8.11 -9.53 9.78
N LEU C 14 -9.12 -10.02 9.04
CA LEU C 14 -8.88 -10.41 7.64
C LEU C 14 -8.49 -9.21 6.80
N ALA C 15 -9.18 -8.09 6.99
CA ALA C 15 -8.85 -6.91 6.21
C ALA C 15 -7.44 -6.46 6.52
N GLU C 16 -7.03 -6.59 7.79
CA GLU C 16 -5.66 -6.24 8.17
C GLU C 16 -4.65 -7.13 7.49
N GLN C 17 -4.83 -8.44 7.59
CA GLN C 17 -3.98 -9.38 6.88
C GLN C 17 -3.87 -9.01 5.40
N ALA C 18 -5.00 -8.76 4.77
CA ALA C 18 -5.03 -8.41 3.36
C ALA C 18 -4.51 -7.01 3.10
N GLU C 19 -4.24 -6.24 4.15
CA GLU C 19 -3.79 -4.87 4.01
C GLU C 19 -4.81 -4.05 3.21
N ARG C 20 -6.09 -4.31 3.46
CA ARG C 20 -7.18 -3.51 2.91
C ARG C 20 -7.74 -2.66 4.05
N TYR C 21 -7.04 -1.57 4.37
CA TYR C 21 -7.28 -0.87 5.63
C TYR C 21 -8.53 0.01 5.60
N GLU C 22 -8.94 0.51 4.44
CA GLU C 22 -10.21 1.22 4.40
C GLU C 22 -11.34 0.29 4.80
N GLU C 23 -11.27 -0.96 4.36
CA GLU C 23 -12.26 -1.94 4.75
C GLU C 23 -12.09 -2.35 6.21
N MET C 24 -10.85 -2.39 6.71
CA MET C 24 -10.65 -2.67 8.13
C MET C 24 -11.30 -1.60 8.99
N VAL C 25 -11.20 -0.34 8.56
CA VAL C 25 -11.84 0.74 9.28
C VAL C 25 -13.34 0.56 9.27
N GLU C 26 -13.89 0.20 8.11
CA GLU C 26 -15.34 -0.04 8.04
C GLU C 26 -15.76 -1.12 9.03
N PHE C 27 -15.02 -2.24 9.05
CA PHE C 27 -15.33 -3.34 9.97
C PHE C 27 -15.25 -2.90 11.42
N MET C 28 -14.22 -2.14 11.79
CA MET C 28 -14.11 -1.75 13.19
C MET C 28 -15.13 -0.68 13.54
N GLU C 29 -15.52 0.16 12.59
CA GLU C 29 -16.63 1.08 12.83
C GLU C 29 -17.93 0.33 13.07
N LYS C 30 -18.13 -0.79 12.38
CA LYS C 30 -19.34 -1.56 12.65
C LYS C 30 -19.28 -2.29 13.98
N VAL C 31 -18.11 -2.80 14.38
CA VAL C 31 -18.01 -3.39 15.71
C VAL C 31 -18.28 -2.34 16.80
N SER C 32 -17.59 -1.19 16.71
CA SER C 32 -17.74 -0.14 17.72
C SER C 32 -19.17 0.39 17.76
N ALA C 33 -19.77 0.61 16.60
CA ALA C 33 -21.16 1.07 16.57
C ALA C 33 -22.07 0.02 17.16
N ALA C 34 -21.73 -1.26 16.99
CA ALA C 34 -22.53 -2.34 17.52
C ALA C 34 -22.37 -2.46 19.02
N VAL C 35 -21.38 -1.78 19.61
CA VAL C 35 -21.18 -1.86 21.04
C VAL C 35 -21.55 -0.50 21.65
N ASP C 36 -22.79 -0.39 22.09
CA ASP C 36 -23.33 0.85 22.61
C ASP C 36 -23.17 0.77 24.12
N GLY C 37 -22.35 1.63 24.69
CA GLY C 37 -22.13 1.63 26.12
C GLY C 37 -21.02 0.69 26.55
N ASP C 38 -21.00 -0.54 26.01
CA ASP C 38 -19.93 -1.43 26.43
C ASP C 38 -18.58 -0.89 25.96
N GLU C 39 -17.52 -1.30 26.64
CA GLU C 39 -16.17 -0.94 26.22
C GLU C 39 -15.66 -1.90 25.14
N LEU C 40 -14.90 -1.36 24.20
CA LEU C 40 -14.08 -2.22 23.35
C LEU C 40 -13.10 -3.02 24.19
N THR C 41 -12.85 -4.27 23.79
CA THR C 41 -11.77 -5.00 24.41
C THR C 41 -10.45 -4.31 24.05
N VAL C 42 -9.37 -4.69 24.74
CA VAL C 42 -8.07 -4.15 24.39
C VAL C 42 -7.72 -4.52 22.95
N GLU C 43 -7.97 -5.78 22.58
CA GLU C 43 -7.72 -6.26 21.24
C GLU C 43 -8.51 -5.46 20.20
N GLU C 44 -9.81 -5.26 20.46
CA GLU C 44 -10.65 -4.53 19.52
C GLU C 44 -10.22 -3.07 19.42
N ARG C 45 -9.92 -2.46 20.56
CA ARG C 45 -9.40 -1.10 20.58
C ARG C 45 -8.17 -0.98 19.70
N ASN C 46 -7.25 -1.93 19.83
CA ASN C 46 -6.02 -1.87 19.04
C ASN C 46 -6.31 -2.10 17.56
N LEU C 47 -7.22 -3.01 17.22
CA LEU C 47 -7.59 -3.16 15.83
C LEU C 47 -8.15 -1.86 15.25
N LEU C 48 -9.00 -1.17 16.01
CA LEU C 48 -9.53 0.11 15.54
C LEU C 48 -8.42 1.12 15.32
N SER C 49 -7.49 1.20 16.27
CA SER C 49 -6.43 2.19 16.16
C SER C 49 -5.55 1.87 14.97
N VAL C 50 -5.16 0.60 14.79
CA VAL C 50 -4.36 0.20 13.63
C VAL C 50 -5.07 0.55 12.34
N ALA C 51 -6.39 0.26 12.26
CA ALA C 51 -7.13 0.54 11.04
C ALA C 51 -7.02 2.01 10.68
N TYR C 52 -7.40 2.88 11.62
CA TYR C 52 -7.34 4.31 11.34
C TYR C 52 -5.92 4.81 11.16
N LYS C 53 -4.97 4.29 11.95
CA LYS C 53 -3.60 4.71 11.80
C LYS C 53 -3.11 4.48 10.39
N ASN C 54 -3.44 3.34 9.79
CA ASN C 54 -2.94 3.05 8.45
C ASN C 54 -3.69 3.84 7.39
N VAL C 55 -5.01 3.99 7.57
CA VAL C 55 -5.79 4.74 6.60
C VAL C 55 -5.33 6.20 6.57
N ILE C 56 -5.12 6.82 7.74
CA ILE C 56 -4.66 8.21 7.77
C ILE C 56 -3.19 8.31 7.39
N GLY C 57 -2.35 7.36 7.84
CA GLY C 57 -0.94 7.37 7.52
C GLY C 57 -0.70 7.45 6.03
N ALA C 58 -1.58 6.80 5.25
CA ALA C 58 -1.33 6.77 3.81
C ALA C 58 -1.64 8.12 3.19
N ARG C 59 -2.68 8.80 3.66
CA ARG C 59 -2.96 10.13 3.14
C ARG C 59 -1.95 11.15 3.64
N ARG C 60 -1.46 10.98 4.87
CA ARG C 60 -0.39 11.85 5.38
C ARG C 60 0.87 11.74 4.54
N ALA C 61 1.27 10.50 4.21
CA ALA C 61 2.41 10.33 3.31
C ALA C 61 2.16 11.00 1.97
N SER C 62 0.99 10.76 1.36
CA SER C 62 0.73 11.34 0.05
C SER C 62 0.75 12.86 0.13
N TRP C 63 0.22 13.40 1.23
CA TRP C 63 0.16 14.85 1.39
C TRP C 63 1.56 15.42 1.47
N ARG C 64 2.45 14.80 2.26
CA ARG C 64 3.80 15.33 2.38
C ARG C 64 4.51 15.31 1.03
N ILE C 65 4.36 14.22 0.28
CA ILE C 65 5.04 14.14 -1.01
C ILE C 65 4.49 15.18 -1.99
N ILE C 66 3.17 15.28 -2.09
CA ILE C 66 2.61 16.26 -3.02
C ILE C 66 2.98 17.67 -2.61
N SER C 67 3.10 17.93 -1.30
CA SER C 67 3.50 19.25 -0.83
C SER C 67 4.94 19.56 -1.21
N SER C 68 5.86 18.60 -1.06
CA SER C 68 7.23 18.82 -1.52
C SER C 68 7.26 19.12 -3.01
N ILE C 69 6.50 18.37 -3.80
CA ILE C 69 6.49 18.63 -5.25
C ILE C 69 5.94 20.02 -5.51
N GLU C 70 4.91 20.42 -4.76
CA GLU C 70 4.35 21.75 -4.96
C GLU C 70 5.41 22.80 -4.67
N GLN C 71 6.18 22.63 -3.60
CA GLN C 71 7.19 23.63 -3.29
C GLN C 71 8.28 23.68 -4.35
N LYS C 72 8.71 22.52 -4.86
CA LYS C 72 9.75 22.57 -5.89
C LYS C 72 9.22 23.24 -7.15
N GLU C 73 8.04 22.82 -7.60
CA GLU C 73 7.44 23.39 -8.80
C GLU C 73 7.15 24.86 -8.59
N GLU C 74 6.96 25.29 -7.34
CA GLU C 74 6.80 26.70 -7.06
C GLU C 74 8.15 27.41 -7.22
N SER C 75 9.20 26.78 -6.70
CA SER C 75 10.57 27.29 -6.87
C SER C 75 10.98 27.35 -8.33
N ARG C 76 10.28 26.62 -9.21
CA ARG C 76 10.64 26.63 -10.63
C ARG C 76 9.79 27.58 -11.46
N GLY C 77 8.84 28.29 -10.85
CA GLY C 77 7.99 29.17 -11.62
C GLY C 77 7.03 28.46 -12.55
N ASN C 78 6.81 27.17 -12.35
CA ASN C 78 5.87 26.36 -13.13
C ASN C 78 4.48 26.50 -12.50
N ASP C 79 3.84 27.64 -12.76
CA ASP C 79 2.54 27.92 -12.15
C ASP C 79 1.45 26.95 -12.62
N ASP C 80 1.54 26.46 -13.85
CA ASP C 80 0.59 25.44 -14.29
C ASP C 80 0.74 24.15 -13.49
N HIS C 81 1.98 23.69 -13.30
CA HIS C 81 2.21 22.52 -12.48
C HIS C 81 1.77 22.78 -11.04
N VAL C 82 2.12 23.95 -10.51
CA VAL C 82 1.76 24.28 -9.13
C VAL C 82 0.24 24.26 -8.94
N THR C 83 -0.50 24.84 -9.89
CA THR C 83 -1.97 24.83 -9.79
C THR C 83 -2.52 23.41 -9.81
N ALA C 84 -2.06 22.58 -10.75
CA ALA C 84 -2.52 21.19 -10.77
C ALA C 84 -2.20 20.50 -9.45
N ILE C 85 -1.01 20.75 -8.92
CA ILE C 85 -0.58 20.12 -7.67
C ILE C 85 -1.47 20.59 -6.53
N ARG C 86 -1.82 21.87 -6.51
CA ARG C 86 -2.69 22.40 -5.47
C ARG C 86 -4.06 21.73 -5.51
N GLU C 87 -4.63 21.56 -6.71
CA GLU C 87 -5.90 20.84 -6.80
C GLU C 87 -5.79 19.43 -6.25
N TYR C 88 -4.66 18.76 -6.52
CA TYR C 88 -4.49 17.39 -6.06
C TYR C 88 -4.32 17.36 -4.54
N ARG C 89 -3.48 18.24 -4.01
CA ARG C 89 -3.32 18.35 -2.57
C ARG C 89 -4.63 18.68 -1.88
N SER C 90 -5.47 19.51 -2.52
CA SER C 90 -6.77 19.81 -1.93
C SER C 90 -7.62 18.54 -1.84
N LYS C 91 -7.53 17.68 -2.85
CA LYS C 91 -8.28 16.42 -2.78
C LYS C 91 -7.78 15.58 -1.62
N ILE C 92 -6.46 15.53 -1.44
CA ILE C 92 -5.90 14.74 -0.35
C ILE C 92 -6.31 15.32 1.00
N GLU C 93 -6.25 16.65 1.14
CA GLU C 93 -6.64 17.29 2.39
C GLU C 93 -8.11 17.05 2.70
N THR C 94 -8.95 17.01 1.68
CA THR C 94 -10.34 16.66 1.88
C THR C 94 -10.47 15.27 2.50
N GLU C 95 -9.74 14.30 1.94
CA GLU C 95 -9.76 12.95 2.50
C GLU C 95 -9.23 12.94 3.94
N LEU C 96 -8.12 13.63 4.19
CA LEU C 96 -7.57 13.76 5.54
C LEU C 96 -8.60 14.30 6.53
N SER C 97 -9.30 15.36 6.13
CA SER C 97 -10.29 15.96 7.02
C SER C 97 -11.39 14.96 7.31
N GLY C 98 -11.85 14.24 6.29
CA GLY C 98 -12.92 13.29 6.54
C GLY C 98 -12.50 12.12 7.40
N ILE C 99 -11.24 11.67 7.29
CA ILE C 99 -10.81 10.54 8.10
C ILE C 99 -10.66 10.95 9.57
N CYS C 100 -9.99 12.09 9.81
CA CYS C 100 -9.90 12.54 11.18
C CYS C 100 -11.27 12.81 11.76
N ASP C 101 -12.18 13.38 10.95
CA ASP C 101 -13.52 13.65 11.46
C ASP C 101 -14.24 12.35 11.82
N GLY C 102 -14.04 11.31 11.02
CA GLY C 102 -14.73 10.05 11.28
C GLY C 102 -14.31 9.45 12.61
N ILE C 103 -12.99 9.41 12.84
CA ILE C 103 -12.52 8.78 14.07
C ILE C 103 -12.80 9.69 15.27
N LEU C 104 -12.74 11.00 15.08
CA LEU C 104 -13.02 11.91 16.19
C LEU C 104 -14.49 11.80 16.59
N LYS C 105 -15.40 11.73 15.62
CA LYS C 105 -16.80 11.49 15.93
C LYS C 105 -16.98 10.17 16.67
N LEU C 106 -16.35 9.10 16.19
CA LEU C 106 -16.49 7.82 16.88
C LEU C 106 -15.97 7.89 18.31
N LEU C 107 -14.87 8.62 18.54
CA LEU C 107 -14.33 8.74 19.89
C LEU C 107 -15.26 9.56 20.77
N ASP C 108 -15.80 10.64 20.21
CA ASP C 108 -16.60 11.59 20.98
C ASP C 108 -18.00 11.07 21.31
N SER C 109 -18.63 10.27 20.46
CA SER C 109 -20.02 9.91 20.77
C SER C 109 -20.13 8.59 21.53
N ARG C 110 -19.19 7.65 21.36
CA ARG C 110 -19.34 6.35 22.01
C ARG C 110 -18.13 6.00 22.88
N LEU C 111 -16.93 6.02 22.29
CA LEU C 111 -15.79 5.37 22.94
C LEU C 111 -15.27 6.17 24.12
N ILE C 112 -15.15 7.49 23.99
CA ILE C 112 -14.63 8.30 25.08
C ILE C 112 -15.66 8.28 26.20
N PRO C 113 -16.95 8.51 25.92
CA PRO C 113 -17.96 8.42 26.99
C PRO C 113 -17.96 7.07 27.68
N ALA C 114 -17.81 6.00 26.91
CA ALA C 114 -17.93 4.64 27.43
C ALA C 114 -16.68 4.18 28.18
N ALA C 115 -15.54 4.82 27.99
CA ALA C 115 -14.32 4.38 28.66
C ALA C 115 -14.50 4.32 30.17
N ALA C 116 -14.17 3.17 30.76
CA ALA C 116 -14.44 2.91 32.16
C ALA C 116 -13.20 2.71 33.04
N SER C 117 -12.00 2.76 32.47
CA SER C 117 -10.78 2.58 33.26
C SER C 117 -9.74 3.57 32.79
N GLY C 118 -8.75 3.85 33.65
CA GLY C 118 -7.70 4.78 33.27
C GLY C 118 -6.95 4.34 32.04
N ASP C 119 -6.70 3.04 31.91
CA ASP C 119 -6.07 2.51 30.70
C ASP C 119 -6.80 3.04 29.46
N SER C 120 -8.10 2.72 29.34
CA SER C 120 -8.83 3.10 28.13
C SER C 120 -9.18 4.58 28.09
N LYS C 121 -9.33 5.24 29.24
CA LYS C 121 -9.56 6.68 29.23
C LYS C 121 -8.38 7.38 28.58
N VAL C 122 -7.18 7.07 29.06
CA VAL C 122 -5.97 7.66 28.51
C VAL C 122 -5.81 7.27 27.04
N PHE C 123 -6.11 6.02 26.70
CA PHE C 123 -5.91 5.56 25.33
C PHE C 123 -6.76 6.38 24.37
N TYR C 124 -8.04 6.55 24.68
CA TYR C 124 -8.92 7.24 23.74
C TYR C 124 -8.67 8.74 23.74
N LEU C 125 -8.33 9.33 24.89
CA LEU C 125 -7.95 10.75 24.89
C LEU C 125 -6.68 10.99 24.08
N LYS C 126 -5.65 10.18 24.32
CA LYS C 126 -4.47 10.28 23.49
C LYS C 126 -4.84 10.22 22.02
N MET C 127 -5.73 9.29 21.65
CA MET C 127 -6.07 9.15 20.24
C MET C 127 -6.80 10.40 19.73
N LYS C 128 -7.70 10.98 20.54
CA LYS C 128 -8.32 12.25 20.20
C LYS C 128 -7.26 13.31 19.93
N GLY C 129 -6.27 13.42 20.83
CA GLY C 129 -5.22 14.39 20.60
C GLY C 129 -4.48 14.10 19.32
N ASP C 130 -4.18 12.83 19.07
CA ASP C 130 -3.51 12.43 17.84
C ASP C 130 -4.25 12.96 16.61
N TYR C 131 -5.56 12.74 16.56
CA TYR C 131 -6.26 13.06 15.31
C TYR C 131 -6.58 14.54 15.18
N HIS C 132 -6.72 15.25 16.29
CA HIS C 132 -6.70 16.71 16.16
C HIS C 132 -5.34 17.17 15.66
N ARG C 133 -4.27 16.50 16.11
CA ARG C 133 -2.94 16.88 15.63
C ARG C 133 -2.78 16.62 14.14
N TYR C 134 -3.29 15.48 13.65
CA TYR C 134 -3.22 15.24 12.21
C TYR C 134 -4.03 16.27 11.45
N LEU C 135 -5.11 16.79 12.05
CA LEU C 135 -5.80 17.92 11.44
C LEU C 135 -4.90 19.15 11.41
N ALA C 136 -4.22 19.42 12.54
CA ALA C 136 -3.36 20.59 12.66
C ALA C 136 -2.15 20.52 11.75
N GLU C 137 -1.78 19.32 11.30
CA GLU C 137 -0.64 19.14 10.40
C GLU C 137 -0.82 19.85 9.07
N PHE C 138 -2.04 19.91 8.54
CA PHE C 138 -2.25 20.54 7.24
C PHE C 138 -3.18 21.73 7.27
N LYS C 139 -4.02 21.87 8.29
CA LYS C 139 -4.91 23.02 8.32
C LYS C 139 -4.06 24.28 8.44
N THR C 140 -4.63 25.43 8.05
CA THR C 140 -3.94 26.71 8.21
C THR C 140 -4.79 27.72 8.96
N GLY C 141 -4.20 28.90 9.19
CA GLY C 141 -4.93 30.00 9.79
C GLY C 141 -5.72 29.57 11.01
N GLN C 142 -6.93 30.12 11.12
CA GLN C 142 -7.75 29.89 12.30
C GLN C 142 -8.09 28.42 12.44
N GLU C 143 -8.31 27.74 11.30
CA GLU C 143 -8.62 26.32 11.33
C GLU C 143 -7.49 25.53 12.00
N ARG C 144 -6.24 25.92 11.69
CA ARG C 144 -5.08 25.33 12.34
C ARG C 144 -5.04 25.67 13.83
N LYS C 145 -5.25 26.94 14.19
CA LYS C 145 -5.29 27.30 15.62
C LYS C 145 -6.31 26.48 16.39
N ASP C 146 -7.53 26.34 15.84
CA ASP C 146 -8.55 25.54 16.50
C ASP C 146 -8.12 24.09 16.64
N ALA C 147 -7.50 23.53 15.60
CA ALA C 147 -7.07 22.14 15.68
C ALA C 147 -6.03 21.97 16.78
N ALA C 148 -5.03 22.84 16.78
CA ALA C 148 -3.97 22.75 17.79
C ALA C 148 -4.52 22.91 19.20
N GLU C 149 -5.48 23.82 19.41
CA GLU C 149 -6.05 23.98 20.74
C GLU C 149 -6.78 22.70 21.16
N HIS C 150 -7.50 22.07 20.24
CA HIS C 150 -8.19 20.84 20.59
C HIS C 150 -7.19 19.74 20.88
N THR C 151 -6.08 19.74 20.14
CA THR C 151 -5.04 18.76 20.40
C THR C 151 -4.51 18.92 21.81
N LEU C 152 -4.11 20.16 22.16
CA LEU C 152 -3.62 20.45 23.50
C LEU C 152 -4.61 20.04 24.58
N ALA C 153 -5.91 20.29 24.35
CA ALA C 153 -6.91 19.95 25.36
C ALA C 153 -7.04 18.45 25.53
N ALA C 154 -7.03 17.71 24.41
CA ALA C 154 -7.08 16.26 24.46
C ALA C 154 -5.86 15.70 25.18
N TYR C 155 -4.66 16.14 24.78
CA TYR C 155 -3.45 15.65 25.41
C TYR C 155 -3.42 15.98 26.89
N LYS C 156 -3.84 17.20 27.27
CA LYS C 156 -3.86 17.57 28.69
C LYS C 156 -4.79 16.66 29.49
N SER C 157 -6.02 16.47 29.02
CA SER C 157 -6.91 15.58 29.75
C SER C 157 -6.30 14.20 29.89
N ALA C 158 -5.75 13.69 28.78
CA ALA C 158 -5.09 12.39 28.81
C ALA C 158 -3.96 12.38 29.83
N GLN C 159 -3.09 13.41 29.80
CA GLN C 159 -1.95 13.46 30.70
C GLN C 159 -2.38 13.51 32.16
N ASP C 160 -3.45 14.25 32.47
CA ASP C 160 -3.91 14.30 33.85
C ASP C 160 -4.32 12.90 34.32
N ILE C 161 -5.18 12.24 33.54
CA ILE C 161 -5.58 10.88 33.93
C ILE C 161 -4.37 9.94 33.99
N ALA C 162 -3.41 10.09 33.07
CA ALA C 162 -2.30 9.15 33.03
C ALA C 162 -1.37 9.36 34.21
N ASN C 163 -1.05 10.62 34.51
CA ASN C 163 -0.22 10.90 35.67
C ASN C 163 -0.90 10.40 36.93
N ALA C 164 -2.24 10.37 36.94
CA ALA C 164 -2.94 10.07 38.17
C ALA C 164 -3.30 8.60 38.33
N GLU C 165 -3.29 7.80 37.26
CA GLU C 165 -3.81 6.45 37.35
C GLU C 165 -3.02 5.42 36.57
N LEU C 166 -1.91 5.79 35.93
CA LEU C 166 -1.09 4.86 35.19
C LEU C 166 0.37 4.98 35.61
N ALA C 167 1.03 3.82 35.74
CA ALA C 167 2.43 3.82 36.09
C ALA C 167 3.24 4.60 35.04
N PRO C 168 4.32 5.26 35.46
CA PRO C 168 5.14 6.00 34.48
C PRO C 168 5.68 5.13 33.38
N THR C 169 5.78 3.82 33.63
CA THR C 169 6.29 2.85 32.67
C THR C 169 5.17 2.22 31.84
N HIS C 170 3.94 2.67 32.02
CA HIS C 170 2.81 2.10 31.28
C HIS C 170 2.95 2.49 29.82
N PRO C 171 2.96 1.55 28.89
CA PRO C 171 3.16 1.91 27.49
C PRO C 171 2.16 2.93 26.99
N ILE C 172 0.96 2.99 27.57
CA ILE C 172 -0.03 3.98 27.15
C ILE C 172 0.41 5.38 27.61
N ARG C 173 0.84 5.49 28.87
CA ARG C 173 1.35 6.75 29.39
C ARG C 173 2.62 7.18 28.66
N LEU C 174 3.51 6.23 28.38
CA LEU C 174 4.72 6.57 27.64
C LEU C 174 4.39 7.04 26.23
N GLY C 175 3.49 6.35 25.53
CA GLY C 175 3.08 6.81 24.21
C GLY C 175 2.47 8.20 24.23
N LEU C 176 1.63 8.47 25.24
CA LEU C 176 1.05 9.80 25.38
C LEU C 176 2.13 10.87 25.57
N ALA C 177 3.08 10.63 26.48
CA ALA C 177 4.19 11.57 26.67
C ALA C 177 4.95 11.79 25.37
N LEU C 178 5.24 10.70 24.65
CA LEU C 178 5.94 10.81 23.38
C LEU C 178 5.20 11.73 22.41
N ASN C 179 3.91 11.45 22.20
CA ASN C 179 3.15 12.22 21.21
C ASN C 179 2.92 13.65 21.67
N PHE C 180 2.76 13.88 22.97
CA PHE C 180 2.63 15.24 23.48
C PHE C 180 3.90 16.05 23.25
N SER C 181 5.06 15.43 23.50
CA SER C 181 6.31 16.13 23.24
C SER C 181 6.42 16.45 21.76
N VAL C 182 6.08 15.48 20.91
CA VAL C 182 6.09 15.73 19.47
C VAL C 182 5.15 16.86 19.11
N PHE C 183 3.98 16.90 19.74
CA PHE C 183 3.03 17.98 19.52
C PHE C 183 3.68 19.32 19.78
N TYR C 184 4.38 19.44 20.91
CA TYR C 184 5.07 20.70 21.20
C TYR C 184 6.11 21.02 20.14
N TYR C 185 6.94 20.04 19.78
CA TYR C 185 8.02 20.32 18.84
C TYR C 185 7.52 20.70 17.45
N GLU C 186 6.55 19.96 16.91
CA GLU C 186 6.21 20.13 15.51
C GLU C 186 5.06 21.10 15.30
N ILE C 187 4.05 21.06 16.15
CA ILE C 187 2.87 21.89 15.90
C ILE C 187 3.03 23.23 16.58
N LEU C 188 3.49 23.25 17.82
CA LEU C 188 3.60 24.50 18.54
C LEU C 188 4.99 25.08 18.43
N ASN C 189 5.92 24.33 17.85
CA ASN C 189 7.27 24.83 17.62
C ASN C 189 7.87 25.29 18.93
N SER C 190 7.66 24.48 19.97
CA SER C 190 8.16 24.77 21.30
C SER C 190 9.11 23.63 21.66
N PRO C 191 10.31 23.65 21.10
CA PRO C 191 11.25 22.54 21.33
C PRO C 191 11.64 22.43 22.78
N ASP C 192 11.85 23.55 23.46
CA ASP C 192 12.18 23.50 24.88
C ASP C 192 11.13 22.70 25.64
N ARG C 193 9.85 22.99 25.40
CA ARG C 193 8.79 22.25 26.08
C ARG C 193 8.78 20.78 25.66
N ALA C 194 8.90 20.50 24.36
CA ALA C 194 8.92 19.12 23.89
C ALA C 194 10.03 18.33 24.57
N CYS C 195 11.24 18.88 24.58
CA CYS C 195 12.39 18.22 25.21
C CYS C 195 12.15 18.02 26.70
N ASN C 196 11.71 19.06 27.41
CA ASN C 196 11.46 18.94 28.84
C ASN C 196 10.43 17.84 29.12
N LEU C 197 9.35 17.80 28.33
CA LEU C 197 8.31 16.80 28.56
C LEU C 197 8.83 15.40 28.32
N ALA C 198 9.58 15.22 27.24
CA ALA C 198 10.11 13.90 26.94
C ALA C 198 11.08 13.48 28.03
N LYS C 199 11.91 14.41 28.51
CA LYS C 199 12.89 14.09 29.52
C LYS C 199 12.20 13.70 30.83
N GLN C 200 11.26 14.53 31.31
CA GLN C 200 10.54 14.19 32.53
C GLN C 200 9.88 12.81 32.44
N ALA C 201 9.18 12.54 31.32
CA ALA C 201 8.51 11.24 31.18
C ALA C 201 9.52 10.09 31.17
N PHE C 202 10.68 10.32 30.57
CA PHE C 202 11.72 9.30 30.53
C PHE C 202 12.29 9.04 31.91
N ASP C 203 12.70 10.10 32.60
CA ASP C 203 13.25 9.94 33.93
C ASP C 203 12.26 9.21 34.83
N GLU C 204 10.99 9.66 34.82
CA GLU C 204 9.96 9.02 35.63
C GLU C 204 9.78 7.55 35.23
N ALA C 205 10.12 7.20 33.99
CA ALA C 205 10.00 5.82 33.55
C ALA C 205 11.20 4.97 33.98
N ILE C 206 12.40 5.53 33.90
CA ILE C 206 13.63 4.84 34.32
C ILE C 206 13.68 4.68 35.82
N ALA C 207 12.88 5.46 36.55
CA ALA C 207 12.90 5.36 38.01
C ALA C 207 12.50 3.95 38.43
N GLU C 208 11.42 3.42 37.86
CA GLU C 208 10.92 2.09 38.20
C GLU C 208 11.25 1.05 37.12
N LEU C 209 12.29 1.29 36.32
CA LEU C 209 12.63 0.34 35.25
C LEU C 209 13.03 -1.01 35.85
N ASP C 210 14.06 -1.01 36.69
CA ASP C 210 14.51 -2.24 37.35
C ASP C 210 13.66 -2.50 38.58
N THR C 211 13.25 -1.44 39.28
CA THR C 211 12.51 -1.59 40.51
C THR C 211 11.20 -2.35 40.30
N LEU C 212 10.66 -2.37 39.07
CA LEU C 212 9.38 -2.99 38.78
C LEU C 212 9.22 -3.20 37.29
N GLY C 213 8.54 -4.29 36.93
CA GLY C 213 8.29 -4.66 35.55
C GLY C 213 8.37 -6.15 35.22
N GLU C 214 7.43 -6.62 34.41
CA GLU C 214 7.35 -7.99 33.94
C GLU C 214 6.26 -8.06 32.87
N GLU C 215 6.58 -8.69 31.74
CA GLU C 215 5.68 -8.97 30.62
C GLU C 215 5.38 -7.70 29.81
N SER C 216 5.28 -6.57 30.51
CA SER C 216 5.05 -5.22 29.98
C SER C 216 6.32 -4.63 29.39
N TYR C 217 7.44 -5.17 29.83
CA TYR C 217 8.79 -4.68 29.58
C TYR C 217 9.17 -4.49 28.11
N LYS C 218 8.87 -5.41 27.21
CA LYS C 218 9.32 -5.10 25.85
C LYS C 218 8.63 -3.85 25.30
N ASP C 219 7.36 -3.65 25.65
CA ASP C 219 6.59 -2.49 25.17
C ASP C 219 7.09 -1.19 25.79
N SER C 220 7.25 -1.18 27.11
CA SER C 220 7.70 0.03 27.78
C SER C 220 9.11 0.36 27.33
N THR C 221 10.01 -0.63 27.37
CA THR C 221 11.39 -0.33 27.01
C THR C 221 11.44 0.21 25.58
N LEU C 222 10.55 -0.30 24.71
CA LEU C 222 10.46 0.17 23.34
C LEU C 222 10.13 1.65 23.28
N ILE C 223 9.09 2.05 24.01
CA ILE C 223 8.68 3.45 24.00
C ILE C 223 9.79 4.32 24.58
N MET C 224 10.39 3.88 25.68
CA MET C 224 11.44 4.68 26.31
C MET C 224 12.61 4.87 25.37
N GLN C 225 12.88 3.87 24.52
CA GLN C 225 13.96 4.03 23.54
C GLN C 225 13.58 5.05 22.48
N LEU C 226 12.31 5.10 22.08
CA LEU C 226 11.92 6.16 21.15
C LEU C 226 12.04 7.53 21.81
N LEU C 227 11.70 7.62 23.08
CA LEU C 227 11.88 8.86 23.83
C LEU C 227 13.35 9.27 23.84
N ARG C 228 14.24 8.31 24.09
CA ARG C 228 15.66 8.63 24.10
C ARG C 228 16.11 9.12 22.74
N ASP C 229 15.66 8.44 21.67
CA ASP C 229 16.08 8.84 20.33
C ASP C 229 15.67 10.29 20.04
N ASN C 230 14.44 10.64 20.42
CA ASN C 230 13.98 12.02 20.24
C ASN C 230 14.82 13.00 21.04
N LEU C 231 15.06 12.73 22.32
CA LEU C 231 15.88 13.67 23.10
C LEU C 231 17.25 13.83 22.46
N THR C 232 17.83 12.72 22.00
CA THR C 232 19.14 12.74 21.36
C THR C 232 19.13 13.66 20.14
N LEU C 233 18.01 13.66 19.39
CA LEU C 233 17.91 14.52 18.21
C LEU C 233 17.59 15.99 18.54
N TRP C 234 16.66 16.25 19.44
CA TRP C 234 16.31 17.64 19.75
C TRP C 234 17.50 18.41 20.31
N THR C 235 18.25 17.83 21.24
CA THR C 235 19.36 18.55 21.84
C THR C 235 20.68 17.87 21.48
CO CO D . -11.36 -17.01 -26.14
S SO4 E . -3.41 -18.48 11.25
O1 SO4 E . -2.83 -18.36 12.59
O2 SO4 E . -4.39 -17.42 11.03
O3 SO4 E . -2.37 -18.39 10.23
O4 SO4 E . -4.08 -19.78 11.12
S SO4 F . -8.74 -21.63 16.06
O1 SO4 F . -8.49 -20.90 17.30
O2 SO4 F . -8.72 -20.69 14.95
O3 SO4 F . -7.71 -22.64 15.87
O4 SO4 F . -10.04 -22.28 16.13
S SO4 G . 1.42 20.04 34.24
O1 SO4 G . 1.58 21.45 33.87
O2 SO4 G . 1.49 19.92 35.69
O3 SO4 G . 2.47 19.22 33.64
O4 SO4 G . 0.12 19.54 33.75
S SO4 H . 4.19 27.58 -16.42
O1 SO4 H . 3.26 28.48 -15.74
O2 SO4 H . 5.53 28.14 -16.35
O3 SO4 H . 4.16 26.27 -15.76
O4 SO4 H . 3.79 27.43 -17.82
S SO4 I . -4.11 26.74 -0.08
O1 SO4 I . -3.91 27.58 1.09
O2 SO4 I . -3.96 27.51 -1.31
O3 SO4 I . -3.10 25.67 -0.07
O4 SO4 I . -5.44 26.14 -0.03
#